data_8AQN
#
_entry.id   8AQN
#
_cell.length_a   62.920
_cell.length_b   95.480
_cell.length_c   103.230
_cell.angle_alpha   90.000
_cell.angle_beta   90.000
_cell.angle_gamma   90.000
#
_symmetry.space_group_name_H-M   'P 21 21 21'
#
loop_
_entity.id
_entity.type
_entity.pdbx_description
1 polymer 'Peroxisome proliferator-activated receptor gamma'
2 polymer 'Nuclear receptor corepressor 2'
3 non-polymer 2-chloranyl-~{N}-[2-(4-ethylphenyl)-1,3-benzoxazol-5-yl]-5-nitro-benzamide
4 non-polymer GLYCEROL
5 non-polymer 'CALCIUM ION'
6 water water
#
loop_
_entity_poly.entity_id
_entity_poly.type
_entity_poly.pdbx_seq_one_letter_code
_entity_poly.pdbx_strand_id
1 'polypeptide(L)'
;GSHMQLNPESADLRALAKHLYDSYIKSFPLTKAKARAILTGKTTDKSPFVIYDMNSLMMGEDKIKFKHITPLQEQSKEVA
IRIFQGCQFRSVEAVQEITEYAKSIPGFVNLDLNDQVTLLKYGVHEIIYTMLASLMNKDGVLISEGQGFMTREFLKSLRK
PFGDFMEPKFEFAVKFNALELDDSDLAIFIAVIILSGDRPGLLNVKPIEDIQDNLLQALELQLKLNHPESSQLFAKLLQK
MTDLRQIVTEHVQLLQVIKKTETDMSLHPLLQEIYKDLY
;
A,B
2 'polypeptide(L)' HASTNMGLEAIIRKALMGKYDQW C,D
#
loop_
_chem_comp.id
_chem_comp.type
_chem_comp.name
_chem_comp.formula
CA non-polymer 'CALCIUM ION' 'Ca 2'
GOL non-polymer GLYCEROL 'C3 H8 O3'
O0U non-polymer 2-chloranyl-~{N}-[2-(4-ethylphenyl)-1,3-benzoxazol-5-yl]-5-nitro-benzamide 'C22 H16 Cl N3 O4'
#
# COMPACT_ATOMS: atom_id res chain seq x y z
N MET A 4 -13.17 17.32 -21.51
CA MET A 4 -14.30 16.92 -20.56
C MET A 4 -15.61 17.57 -21.02
N GLN A 5 -16.65 16.78 -21.20
CA GLN A 5 -17.98 17.26 -21.65
C GLN A 5 -19.04 16.85 -20.65
N LEU A 6 -20.10 17.65 -20.61
CA LEU A 6 -21.36 17.33 -19.88
C LEU A 6 -22.22 16.45 -20.78
N ASN A 7 -22.34 15.16 -20.45
CA ASN A 7 -23.02 14.19 -21.36
C ASN A 7 -23.74 13.16 -20.51
N PRO A 8 -24.48 12.19 -21.09
CA PRO A 8 -25.19 11.20 -20.27
C PRO A 8 -24.24 10.43 -19.31
N GLU A 9 -23.01 10.09 -19.73
CA GLU A 9 -22.06 9.34 -18.88
C GLU A 9 -21.68 10.18 -17.64
N SER A 10 -21.29 11.45 -17.83
CA SER A 10 -20.92 12.38 -16.74
C SER A 10 -22.11 12.55 -15.77
N ALA A 11 -23.35 12.70 -16.27
CA ALA A 11 -24.54 12.93 -15.42
C ALA A 11 -24.79 11.70 -14.56
N ASP A 12 -24.61 10.52 -15.14
CA ASP A 12 -24.73 9.24 -14.40
C ASP A 12 -23.66 9.21 -13.29
N LEU A 13 -22.40 9.58 -13.57
CA LEU A 13 -21.31 9.59 -12.56
C LEU A 13 -21.63 10.62 -11.47
N ARG A 14 -22.25 11.75 -11.82
CA ARG A 14 -22.67 12.74 -10.78
C ARG A 14 -23.83 12.20 -9.95
N ALA A 15 -24.77 11.50 -10.55
CA ALA A 15 -25.92 10.90 -9.83
C ALA A 15 -25.36 9.89 -8.80
N LEU A 16 -24.36 9.10 -9.20
CA LEU A 16 -23.74 8.07 -8.32
C LEU A 16 -23.01 8.76 -7.16
N ALA A 17 -22.23 9.82 -7.43
CA ALA A 17 -21.54 10.58 -6.37
C ALA A 17 -22.57 11.11 -5.36
N LYS A 18 -23.68 11.70 -5.83
CA LYS A 18 -24.75 12.26 -4.97
C LYS A 18 -25.38 11.13 -4.15
N HIS A 19 -25.69 10.01 -4.78
CA HIS A 19 -26.24 8.82 -4.07
C HIS A 19 -25.26 8.40 -2.95
N LEU A 20 -23.96 8.36 -3.22
CA LEU A 20 -22.95 7.91 -2.23
C LEU A 20 -22.84 8.94 -1.10
N TYR A 21 -22.80 10.22 -1.43
CA TYR A 21 -22.75 11.30 -0.43
C TYR A 21 -23.96 11.18 0.51
N ASP A 22 -25.17 11.03 -0.05
CA ASP A 22 -26.41 11.00 0.76
C ASP A 22 -26.37 9.79 1.70
N SER A 23 -25.97 8.61 1.24
CA SER A 23 -25.94 7.42 2.12
C SER A 23 -24.74 7.52 3.09
N TYR A 24 -23.64 8.22 2.73
CA TYR A 24 -22.49 8.50 3.63
C TYR A 24 -22.94 9.33 4.84
N ILE A 25 -23.71 10.40 4.56
CA ILE A 25 -24.29 11.29 5.61
C ILE A 25 -25.21 10.49 6.52
N LYS A 26 -26.00 9.58 5.96
CA LYS A 26 -26.91 8.74 6.77
C LYS A 26 -26.10 7.73 7.58
N SER A 27 -24.96 7.25 7.08
CA SER A 27 -24.20 6.14 7.69
C SER A 27 -23.27 6.58 8.82
N PHE A 28 -22.67 7.76 8.73
CA PHE A 28 -21.49 8.20 9.49
C PHE A 28 -21.86 9.46 10.25
N PRO A 29 -22.32 9.36 11.50
CA PRO A 29 -22.75 10.58 12.20
C PRO A 29 -21.60 11.56 12.45
N LEU A 30 -20.38 11.04 12.68
CA LEU A 30 -19.18 11.90 12.82
C LEU A 30 -18.50 12.04 11.46
N THR A 31 -18.87 13.08 10.73
CA THR A 31 -18.31 13.39 9.39
C THR A 31 -16.95 14.05 9.58
N LYS A 32 -16.20 14.20 8.51
CA LYS A 32 -14.93 14.94 8.56
C LYS A 32 -15.22 16.39 8.97
N ALA A 33 -16.23 17.01 8.39
CA ALA A 33 -16.59 18.43 8.66
C ALA A 33 -16.75 18.61 10.17
N LYS A 34 -17.42 17.67 10.82
CA LYS A 34 -17.72 17.77 12.26
C LYS A 34 -16.43 17.58 13.04
N ALA A 35 -15.58 16.65 12.63
CA ALA A 35 -14.24 16.41 13.20
C ALA A 35 -13.41 17.70 13.12
N ARG A 36 -13.29 18.28 11.93
CA ARG A 36 -12.42 19.46 11.75
C ARG A 36 -12.96 20.65 12.56
N ALA A 37 -14.28 20.75 12.69
CA ALA A 37 -14.93 21.85 13.45
C ALA A 37 -14.50 21.74 14.93
N ILE A 38 -14.38 20.52 15.45
CA ILE A 38 -13.91 20.27 16.85
C ILE A 38 -12.42 20.65 16.95
N LEU A 39 -11.61 20.27 15.97
CA LEU A 39 -10.12 20.45 15.97
C LEU A 39 -9.76 21.93 15.84
N THR A 40 -10.62 22.72 15.16
CA THR A 40 -10.33 24.14 14.83
C THR A 40 -11.06 25.10 15.77
N GLY A 41 -11.65 24.59 16.85
CA GLY A 41 -12.31 25.39 17.91
C GLY A 41 -13.81 25.56 17.68
N LYS A 42 -14.26 25.57 16.41
CA LYS A 42 -15.58 26.10 15.96
C LYS A 42 -16.71 25.63 16.87
N THR A 43 -16.89 24.32 17.09
CA THR A 43 -17.98 23.77 17.95
C THR A 43 -17.74 24.28 19.37
N THR A 44 -18.16 25.52 19.65
CA THR A 44 -17.95 26.33 20.90
C THR A 44 -18.45 25.59 22.14
N ASP A 45 -19.31 24.59 21.95
CA ASP A 45 -19.89 23.73 23.02
C ASP A 45 -19.19 22.36 23.01
N LYS A 46 -18.23 22.14 22.11
CA LYS A 46 -17.42 20.90 22.02
C LYS A 46 -15.94 21.28 22.19
N SER A 47 -15.48 21.25 23.44
CA SER A 47 -14.15 21.73 23.90
C SER A 47 -13.40 20.60 24.56
N PRO A 48 -12.71 19.74 23.78
CA PRO A 48 -11.97 18.62 24.34
C PRO A 48 -10.92 19.09 25.36
N PHE A 49 -10.75 18.29 26.42
CA PHE A 49 -9.60 18.36 27.38
C PHE A 49 -8.34 17.82 26.68
N VAL A 50 -7.23 18.53 26.81
CA VAL A 50 -5.93 18.15 26.20
C VAL A 50 -5.08 17.37 27.21
N ILE A 51 -4.69 16.16 26.82
CA ILE A 51 -3.71 15.34 27.56
C ILE A 51 -2.36 15.48 26.86
N TYR A 52 -1.41 16.15 27.50
CA TYR A 52 -0.11 16.50 26.89
C TYR A 52 1.08 16.04 27.76
N ASP A 53 0.84 15.48 28.94
CA ASP A 53 1.93 15.03 29.83
C ASP A 53 1.34 14.15 30.94
N MET A 54 2.20 13.57 31.76
CA MET A 54 1.77 12.69 32.87
C MET A 54 0.86 13.48 33.83
N ASN A 55 1.12 14.76 34.09
CA ASN A 55 0.28 15.58 35.02
C ASN A 55 -1.14 15.72 34.48
N SER A 56 -1.29 16.16 33.23
CA SER A 56 -2.61 16.36 32.60
C SER A 56 -3.26 14.99 32.44
N LEU A 57 -2.46 13.91 32.29
CA LEU A 57 -3.06 12.55 32.19
C LEU A 57 -3.88 12.26 33.47
N MET A 58 -3.39 12.73 34.63
CA MET A 58 -3.95 12.37 35.96
C MET A 58 -4.74 13.53 36.58
N MET A 59 -5.10 14.56 35.81
CA MET A 59 -5.97 15.67 36.30
C MET A 59 -7.44 15.22 36.21
N GLY A 60 -8.26 15.69 37.14
CA GLY A 60 -9.62 15.19 37.41
C GLY A 60 -9.61 14.23 38.58
N GLU A 61 -10.53 14.40 39.53
CA GLU A 61 -10.68 13.57 40.76
C GLU A 61 -10.59 12.08 40.40
N ASP A 62 -11.34 11.72 39.35
CA ASP A 62 -11.44 10.41 38.66
C ASP A 62 -10.07 9.71 38.56
N LYS A 63 -8.99 10.48 38.36
CA LYS A 63 -7.68 9.96 37.88
C LYS A 63 -6.54 10.26 38.86
N ILE A 64 -6.73 11.14 39.85
CA ILE A 64 -5.66 11.55 40.82
C ILE A 64 -5.15 10.31 41.58
N LYS A 65 -5.93 9.22 41.60
CA LYS A 65 -5.70 7.99 42.39
C LYS A 65 -4.68 7.07 41.71
N PHE A 66 -4.30 7.36 40.46
CA PHE A 66 -3.26 6.60 39.73
C PHE A 66 -1.89 7.32 39.85
N LYS A 67 -1.88 8.56 40.39
CA LYS A 67 -0.66 9.37 40.63
C LYS A 67 0.30 8.58 41.53
N HIS A 68 -0.14 8.11 42.69
CA HIS A 68 0.66 7.24 43.61
C HIS A 68 0.08 5.83 43.60
N ILE A 69 -0.06 5.22 42.40
CA ILE A 69 -0.11 3.74 42.22
C ILE A 69 1.27 3.29 41.76
N THR A 70 1.64 2.06 42.10
CA THR A 70 3.01 1.53 41.92
C THR A 70 3.00 0.81 40.56
N PRO A 71 3.93 1.12 39.63
CA PRO A 71 3.85 0.61 38.26
C PRO A 71 3.92 -0.93 38.19
N LEU A 72 2.92 -1.56 37.57
CA LEU A 72 2.87 -3.03 37.36
C LEU A 72 3.85 -3.41 36.25
N GLN A 73 4.68 -4.41 36.50
CA GLN A 73 5.54 -5.01 35.45
C GLN A 73 4.72 -6.10 34.74
N GLU A 74 4.68 -6.05 33.41
CA GLU A 74 3.97 -7.01 32.53
C GLU A 74 4.81 -7.20 31.26
N GLN A 75 4.51 -8.21 30.47
CA GLN A 75 5.15 -8.33 29.14
C GLN A 75 4.56 -7.25 28.23
N SER A 76 5.42 -6.64 27.40
CA SER A 76 5.05 -5.78 26.25
C SER A 76 3.90 -6.44 25.50
N LYS A 77 4.11 -7.71 25.20
CA LYS A 77 3.20 -8.58 24.43
C LYS A 77 1.79 -8.46 25.04
N GLU A 78 1.65 -8.67 26.33
CA GLU A 78 0.33 -8.75 27.01
C GLU A 78 -0.30 -7.34 26.98
N VAL A 79 0.49 -6.29 27.13
CA VAL A 79 -0.05 -4.90 27.19
C VAL A 79 -0.53 -4.55 25.77
N ALA A 80 0.25 -4.84 24.73
CA ALA A 80 -0.09 -4.55 23.32
C ALA A 80 -1.38 -5.28 22.96
N ILE A 81 -1.46 -6.56 23.28
CA ILE A 81 -2.62 -7.41 22.88
C ILE A 81 -3.89 -6.90 23.58
N ARG A 82 -3.82 -6.50 24.84
CA ARG A 82 -4.97 -5.94 25.60
C ARG A 82 -5.44 -4.62 24.94
N ILE A 83 -4.50 -3.79 24.52
CA ILE A 83 -4.83 -2.54 23.77
C ILE A 83 -5.57 -2.91 22.45
N PHE A 84 -5.07 -3.89 21.68
CA PHE A 84 -5.61 -4.28 20.35
C PHE A 84 -6.98 -4.94 20.54
N GLN A 85 -7.16 -5.71 21.61
CA GLN A 85 -8.50 -6.24 21.98
C GLN A 85 -9.47 -5.09 22.22
N GLY A 86 -9.05 -4.05 22.92
CA GLY A 86 -9.91 -2.89 23.25
C GLY A 86 -10.22 -2.05 22.03
N CYS A 87 -9.23 -1.71 21.20
CA CYS A 87 -9.53 -0.81 20.06
C CYS A 87 -10.36 -1.56 19.03
N GLN A 88 -10.20 -2.88 18.92
CA GLN A 88 -11.07 -3.69 18.04
C GLN A 88 -12.50 -3.62 18.58
N PHE A 89 -12.69 -3.84 19.87
CA PHE A 89 -14.05 -3.78 20.45
C PHE A 89 -14.67 -2.38 20.24
N ARG A 90 -13.89 -1.32 20.37
CA ARG A 90 -14.40 0.07 20.29
C ARG A 90 -14.65 0.48 18.83
N SER A 91 -14.18 -0.31 17.86
CA SER A 91 -14.38 -0.09 16.39
CA SER A 91 -14.40 -0.05 16.41
C SER A 91 -15.75 -0.64 15.95
N VAL A 92 -16.52 -1.28 16.85
CA VAL A 92 -17.76 -1.97 16.41
C VAL A 92 -18.69 -0.97 15.71
N GLU A 93 -18.89 0.23 16.27
CA GLU A 93 -19.77 1.20 15.60
C GLU A 93 -19.24 1.54 14.22
N ALA A 94 -17.93 1.83 14.09
CA ALA A 94 -17.35 2.19 12.77
C ALA A 94 -17.63 1.03 11.79
N VAL A 95 -17.39 -0.20 12.21
CA VAL A 95 -17.54 -1.39 11.33
C VAL A 95 -19.01 -1.52 10.87
N GLN A 96 -19.97 -1.35 11.80
CA GLN A 96 -21.41 -1.37 11.52
C GLN A 96 -21.78 -0.25 10.55
N GLU A 97 -21.27 0.96 10.76
CA GLU A 97 -21.55 2.13 9.90
C GLU A 97 -20.97 1.88 8.49
N ILE A 98 -19.78 1.26 8.42
CA ILE A 98 -19.14 1.03 7.09
C ILE A 98 -19.98 -0.03 6.37
N THR A 99 -20.46 -1.04 7.10
CA THR A 99 -21.25 -2.12 6.51
C THR A 99 -22.54 -1.52 5.94
N GLU A 100 -23.20 -0.65 6.71
CA GLU A 100 -24.43 0.05 6.30
C GLU A 100 -24.11 0.81 5.01
N TYR A 101 -23.02 1.54 5.03
CA TYR A 101 -22.61 2.35 3.84
C TYR A 101 -22.43 1.40 2.63
N ALA A 102 -21.74 0.28 2.83
CA ALA A 102 -21.39 -0.62 1.71
C ALA A 102 -22.68 -1.07 1.03
N LYS A 103 -23.73 -1.36 1.80
CA LYS A 103 -25.02 -1.85 1.28
C LYS A 103 -25.70 -0.81 0.37
N SER A 104 -25.35 0.46 0.50
CA SER A 104 -25.86 1.54 -0.37
C SER A 104 -25.02 1.64 -1.64
N ILE A 105 -23.85 1.02 -1.73
CA ILE A 105 -23.07 1.12 -3.01
C ILE A 105 -23.81 0.29 -4.08
N PRO A 106 -24.27 0.89 -5.21
CA PRO A 106 -25.02 0.13 -6.21
C PRO A 106 -24.25 -1.12 -6.69
N GLY A 107 -24.90 -2.27 -6.59
CA GLY A 107 -24.33 -3.57 -6.97
C GLY A 107 -23.77 -4.35 -5.79
N PHE A 108 -23.49 -3.71 -4.65
CA PHE A 108 -22.74 -4.40 -3.57
C PHE A 108 -23.60 -5.55 -3.03
N VAL A 109 -24.88 -5.32 -2.80
CA VAL A 109 -25.74 -6.37 -2.13
C VAL A 109 -26.07 -7.47 -3.15
N ASN A 110 -25.75 -7.29 -4.43
CA ASN A 110 -25.97 -8.35 -5.45
C ASN A 110 -24.79 -9.32 -5.48
N LEU A 111 -23.66 -9.02 -4.80
CA LEU A 111 -22.46 -9.87 -4.80
C LEU A 111 -22.78 -11.07 -3.91
N ASP A 112 -22.12 -12.19 -4.14
CA ASP A 112 -22.16 -13.34 -3.20
C ASP A 112 -21.95 -12.82 -1.77
N LEU A 113 -22.79 -13.24 -0.85
CA LEU A 113 -22.80 -12.70 0.53
C LEU A 113 -21.45 -12.93 1.21
N ASN A 114 -20.78 -14.04 0.93
CA ASN A 114 -19.45 -14.34 1.51
C ASN A 114 -18.42 -13.33 0.99
N ASP A 115 -18.51 -12.95 -0.28
CA ASP A 115 -17.62 -11.91 -0.86
C ASP A 115 -17.92 -10.56 -0.18
N GLN A 116 -19.18 -10.24 0.12
CA GLN A 116 -19.52 -8.99 0.85
C GLN A 116 -18.80 -9.00 2.21
N VAL A 117 -18.80 -10.11 2.91
CA VAL A 117 -18.13 -10.24 4.23
C VAL A 117 -16.61 -10.11 4.01
N THR A 118 -16.02 -10.70 2.97
CA THR A 118 -14.55 -10.63 2.73
C THR A 118 -14.14 -9.18 2.43
N LEU A 119 -14.91 -8.50 1.58
CA LEU A 119 -14.58 -7.12 1.17
C LEU A 119 -14.55 -6.25 2.43
N LEU A 120 -15.52 -6.43 3.33
CA LEU A 120 -15.63 -5.55 4.51
C LEU A 120 -14.59 -5.95 5.56
N LYS A 121 -14.37 -7.25 5.81
CA LYS A 121 -13.42 -7.65 6.88
C LYS A 121 -11.98 -7.22 6.54
N TYR A 122 -11.60 -7.05 5.27
CA TYR A 122 -10.31 -6.40 4.90
C TYR A 122 -10.49 -4.88 4.77
N GLY A 123 -11.55 -4.40 4.11
CA GLY A 123 -11.74 -2.96 3.86
C GLY A 123 -11.88 -2.11 5.14
N VAL A 124 -12.57 -2.56 6.17
CA VAL A 124 -12.89 -1.63 7.31
C VAL A 124 -11.61 -1.02 7.89
N HIS A 125 -10.47 -1.73 7.95
CA HIS A 125 -9.22 -1.32 8.65
C HIS A 125 -8.65 -0.09 7.94
N GLU A 126 -8.69 -0.12 6.61
CA GLU A 126 -8.20 1.02 5.80
C GLU A 126 -9.15 2.20 5.96
N ILE A 127 -10.46 1.95 6.07
CA ILE A 127 -11.46 3.04 6.25
C ILE A 127 -11.36 3.58 7.68
N ILE A 128 -11.17 2.72 8.70
CA ILE A 128 -10.89 3.20 10.10
C ILE A 128 -9.67 4.15 10.08
N TYR A 129 -8.59 3.86 9.35
CA TYR A 129 -7.42 4.76 9.34
C TYR A 129 -7.76 6.06 8.58
N THR A 130 -8.66 5.97 7.60
CA THR A 130 -9.17 7.18 6.89
C THR A 130 -9.94 8.06 7.88
N MET A 131 -10.84 7.46 8.65
CA MET A 131 -11.61 8.17 9.69
C MET A 131 -10.65 8.74 10.74
N LEU A 132 -9.58 8.01 11.08
CA LEU A 132 -8.64 8.38 12.15
C LEU A 132 -7.89 9.66 11.72
N ALA A 133 -7.53 9.74 10.44
CA ALA A 133 -6.95 10.97 9.88
C ALA A 133 -7.86 12.17 10.18
N SER A 134 -9.17 12.01 10.01
CA SER A 134 -10.17 13.10 10.25
C SER A 134 -10.03 13.59 11.69
N LEU A 135 -9.59 12.72 12.61
CA LEU A 135 -9.53 13.05 14.05
C LEU A 135 -8.16 13.61 14.45
N MET A 136 -7.24 13.80 13.49
CA MET A 136 -5.84 14.10 13.73
C MET A 136 -5.52 15.45 13.09
N ASN A 137 -4.71 16.22 13.79
CA ASN A 137 -3.94 17.33 13.18
C ASN A 137 -2.48 17.06 13.55
N LYS A 138 -1.57 17.97 13.18
CA LYS A 138 -0.12 17.79 13.47
C LYS A 138 0.16 17.73 14.97
N ASP A 139 -0.73 18.19 15.83
CA ASP A 139 -0.51 18.30 17.30
C ASP A 139 -1.02 17.09 18.08
N GLY A 140 -1.99 16.35 17.56
CA GLY A 140 -2.65 15.25 18.29
C GLY A 140 -3.93 14.74 17.67
N VAL A 141 -4.68 13.97 18.47
CA VAL A 141 -5.79 13.14 17.98
C VAL A 141 -6.92 13.20 19.00
N LEU A 142 -8.15 13.32 18.49
CA LEU A 142 -9.38 13.27 19.33
C LEU A 142 -9.58 11.85 19.83
N ILE A 143 -9.99 11.74 21.10
CA ILE A 143 -10.16 10.47 21.87
C ILE A 143 -11.45 10.65 22.70
N SER A 144 -11.91 9.60 23.37
CA SER A 144 -13.12 9.59 24.25
C SER A 144 -14.29 10.25 23.55
N GLU A 145 -14.61 9.83 22.34
CA GLU A 145 -15.80 10.30 21.59
C GLU A 145 -15.72 11.83 21.53
N GLY A 146 -14.55 12.37 21.20
CA GLY A 146 -14.39 13.82 20.98
C GLY A 146 -14.29 14.64 22.26
N GLN A 147 -14.26 14.04 23.46
CA GLN A 147 -14.15 14.79 24.74
C GLN A 147 -12.69 15.03 25.11
N GLY A 148 -11.76 14.30 24.47
CA GLY A 148 -10.33 14.36 24.80
C GLY A 148 -9.50 14.58 23.56
N PHE A 149 -8.29 15.04 23.77
CA PHE A 149 -7.28 15.30 22.73
C PHE A 149 -5.93 14.88 23.31
N MET A 150 -5.43 13.76 22.78
CA MET A 150 -4.10 13.20 23.11
C MET A 150 -3.04 13.77 22.16
N THR A 151 -1.98 14.37 22.71
CA THR A 151 -0.90 14.98 21.87
C THR A 151 -0.01 13.92 21.24
N ARG A 152 0.41 14.25 20.04
CA ARG A 152 1.28 13.44 19.16
C ARG A 152 2.62 13.25 19.89
N GLU A 153 3.17 14.31 20.47
CA GLU A 153 4.55 14.20 21.05
C GLU A 153 4.48 13.43 22.36
N PHE A 154 3.36 13.50 23.09
CA PHE A 154 3.24 12.67 24.33
C PHE A 154 3.23 11.20 23.94
N LEU A 155 2.42 10.84 22.94
CA LEU A 155 2.37 9.43 22.42
C LEU A 155 3.78 8.99 21.99
N LYS A 156 4.50 9.84 21.25
CA LYS A 156 5.83 9.57 20.67
C LYS A 156 6.88 9.40 21.79
N SER A 157 6.67 9.99 22.97
CA SER A 157 7.64 9.96 24.09
C SER A 157 7.59 8.64 24.86
N LEU A 158 6.56 7.80 24.67
CA LEU A 158 6.32 6.63 25.55
C LEU A 158 7.32 5.52 25.20
N ARG A 159 7.57 4.62 26.14
CA ARG A 159 8.63 3.59 25.95
C ARG A 159 8.24 2.68 24.78
N LYS A 160 9.25 2.20 24.07
CA LYS A 160 9.15 1.25 22.94
C LYS A 160 8.49 -0.02 23.46
N PRO A 161 7.66 -0.70 22.64
CA PRO A 161 7.37 -0.30 21.25
C PRO A 161 6.23 0.72 21.10
N PHE A 162 5.54 1.01 22.21
CA PHE A 162 4.28 1.82 22.25
C PHE A 162 4.54 3.22 21.64
N GLY A 163 5.66 3.86 21.96
CA GLY A 163 5.98 5.21 21.46
C GLY A 163 6.09 5.27 19.94
N ASP A 164 6.19 4.13 19.27
CA ASP A 164 6.33 4.06 17.80
C ASP A 164 4.97 3.70 17.16
N PHE A 165 3.94 3.35 17.93
CA PHE A 165 2.66 2.84 17.38
C PHE A 165 1.99 3.90 16.50
N MET A 166 1.96 5.17 16.93
CA MET A 166 1.05 6.18 16.32
C MET A 166 1.79 7.11 15.35
N GLU A 167 3.11 7.29 15.45
CA GLU A 167 3.79 8.37 14.72
C GLU A 167 3.60 8.18 13.20
N PRO A 168 3.69 6.95 12.64
CA PRO A 168 3.48 6.75 11.20
C PRO A 168 2.05 7.05 10.73
N LYS A 169 1.04 6.87 11.58
CA LYS A 169 -0.37 7.31 11.31
C LYS A 169 -0.46 8.82 11.33
N PHE A 170 0.26 9.51 12.21
CA PHE A 170 0.31 11.00 12.16
C PHE A 170 0.95 11.46 10.85
N GLU A 171 2.06 10.86 10.48
CA GLU A 171 2.86 11.19 9.26
C GLU A 171 1.91 11.08 8.07
N PHE A 172 1.19 9.96 8.00
CA PHE A 172 0.14 9.75 6.98
C PHE A 172 -0.94 10.83 7.08
N ALA A 173 -1.56 11.02 8.24
CA ALA A 173 -2.72 11.91 8.41
C ALA A 173 -2.38 13.34 7.94
N VAL A 174 -1.21 13.90 8.33
CA VAL A 174 -0.96 15.34 8.03
C VAL A 174 -0.83 15.52 6.51
N LYS A 175 -0.26 14.54 5.83
CA LYS A 175 -0.12 14.56 4.34
C LYS A 175 -1.48 14.29 3.69
N PHE A 176 -2.24 13.29 4.15
CA PHE A 176 -3.60 13.04 3.62
C PHE A 176 -4.46 14.29 3.82
N ASN A 177 -4.44 14.86 5.03
CA ASN A 177 -5.31 16.00 5.39
C ASN A 177 -4.93 17.23 4.55
N ALA A 178 -3.64 17.39 4.23
CA ALA A 178 -3.14 18.49 3.38
C ALA A 178 -3.81 18.48 1.99
N LEU A 179 -4.33 17.35 1.51
CA LEU A 179 -5.11 17.28 0.23
C LEU A 179 -6.49 17.95 0.35
N GLU A 180 -6.96 18.19 1.58
CA GLU A 180 -8.22 18.93 1.83
C GLU A 180 -9.38 18.21 1.14
N LEU A 181 -9.47 16.91 1.22
CA LEU A 181 -10.68 16.22 0.80
C LEU A 181 -11.85 16.65 1.68
N ASP A 182 -13.06 16.66 1.12
CA ASP A 182 -14.28 16.88 1.95
C ASP A 182 -15.04 15.56 2.02
N ASP A 183 -16.11 15.54 2.79
CA ASP A 183 -17.00 14.37 2.92
C ASP A 183 -17.48 13.86 1.54
N SER A 184 -17.76 14.72 0.59
CA SER A 184 -18.26 14.27 -0.73
C SER A 184 -17.14 13.51 -1.47
N ASP A 185 -15.89 13.94 -1.37
CA ASP A 185 -14.71 13.23 -1.94
C ASP A 185 -14.55 11.90 -1.18
N LEU A 186 -14.65 11.94 0.13
CA LEU A 186 -14.37 10.74 0.97
C LEU A 186 -15.40 9.63 0.68
N ALA A 187 -16.68 9.98 0.45
CA ALA A 187 -17.76 9.00 0.15
C ALA A 187 -17.31 8.11 -1.02
N ILE A 188 -16.70 8.70 -2.04
CA ILE A 188 -16.32 7.90 -3.22
C ILE A 188 -14.99 7.17 -2.97
N PHE A 189 -14.04 7.84 -2.30
CA PHE A 189 -12.73 7.29 -1.89
C PHE A 189 -12.96 5.99 -1.14
N ILE A 190 -13.84 6.04 -0.14
CA ILE A 190 -14.14 4.86 0.72
C ILE A 190 -14.83 3.74 -0.10
N ALA A 191 -15.76 4.08 -0.99
CA ALA A 191 -16.44 3.11 -1.87
C ALA A 191 -15.39 2.37 -2.72
N VAL A 192 -14.44 3.10 -3.31
CA VAL A 192 -13.34 2.51 -4.13
C VAL A 192 -12.57 1.49 -3.28
N ILE A 193 -12.18 1.83 -2.05
CA ILE A 193 -11.45 0.92 -1.12
C ILE A 193 -12.26 -0.36 -0.88
N ILE A 194 -13.56 -0.20 -0.58
CA ILE A 194 -14.43 -1.36 -0.25
C ILE A 194 -14.47 -2.28 -1.47
N LEU A 195 -14.67 -1.77 -2.68
CA LEU A 195 -14.86 -2.64 -3.88
C LEU A 195 -13.49 -3.03 -4.48
N SER A 196 -12.61 -3.62 -3.65
CA SER A 196 -11.23 -4.04 -3.97
C SER A 196 -11.23 -5.51 -4.41
N GLY A 197 -10.94 -5.74 -5.69
CA GLY A 197 -10.97 -7.09 -6.30
C GLY A 197 -9.80 -7.96 -5.87
N ASP A 198 -8.80 -7.38 -5.18
CA ASP A 198 -7.55 -8.09 -4.81
C ASP A 198 -7.64 -8.64 -3.39
N ARG A 199 -8.77 -8.54 -2.68
CA ARG A 199 -8.82 -9.08 -1.31
C ARG A 199 -8.64 -10.59 -1.41
N PRO A 200 -7.84 -11.19 -0.50
CA PRO A 200 -7.73 -12.66 -0.43
C PRO A 200 -9.07 -13.36 -0.27
N GLY A 201 -9.25 -14.49 -0.94
CA GLY A 201 -10.39 -15.39 -0.70
C GLY A 201 -11.67 -14.94 -1.37
N LEU A 202 -11.62 -14.10 -2.41
CA LEU A 202 -12.83 -13.66 -3.13
C LEU A 202 -13.24 -14.77 -4.10
N LEU A 203 -14.53 -15.07 -4.19
CA LEU A 203 -15.12 -16.04 -5.15
C LEU A 203 -15.24 -15.41 -6.54
N ASN A 204 -15.86 -14.24 -6.65
CA ASN A 204 -16.26 -13.62 -7.94
C ASN A 204 -15.59 -12.25 -8.09
N VAL A 205 -14.40 -12.21 -8.70
CA VAL A 205 -13.56 -10.98 -8.69
C VAL A 205 -14.14 -10.00 -9.73
N LYS A 206 -14.58 -10.49 -10.88
CA LYS A 206 -14.96 -9.60 -12.02
C LYS A 206 -16.09 -8.63 -11.66
N PRO A 207 -17.23 -9.08 -11.10
CA PRO A 207 -18.29 -8.13 -10.75
C PRO A 207 -17.87 -7.05 -9.74
N ILE A 208 -16.93 -7.34 -8.83
CA ILE A 208 -16.32 -6.36 -7.89
C ILE A 208 -15.51 -5.34 -8.70
N GLU A 209 -14.67 -5.79 -9.61
CA GLU A 209 -13.83 -4.90 -10.45
C GLU A 209 -14.69 -3.99 -11.33
N ASP A 210 -15.81 -4.50 -11.86
CA ASP A 210 -16.79 -3.74 -12.70
C ASP A 210 -17.39 -2.59 -11.90
N ILE A 211 -17.82 -2.83 -10.68
CA ILE A 211 -18.33 -1.75 -9.77
C ILE A 211 -17.16 -0.78 -9.49
N GLN A 212 -15.99 -1.29 -9.10
CA GLN A 212 -14.83 -0.41 -8.78
C GLN A 212 -14.45 0.45 -9.98
N ASP A 213 -14.48 -0.09 -11.19
CA ASP A 213 -14.14 0.74 -12.39
C ASP A 213 -15.10 1.93 -12.45
N ASN A 214 -16.37 1.72 -12.17
CA ASN A 214 -17.39 2.78 -12.23
C ASN A 214 -17.13 3.78 -11.10
N LEU A 215 -16.82 3.27 -9.90
CA LEU A 215 -16.46 4.14 -8.74
C LEU A 215 -15.22 4.95 -9.08
N LEU A 216 -14.21 4.38 -9.72
CA LEU A 216 -12.97 5.12 -10.06
C LEU A 216 -13.30 6.26 -11.01
N GLN A 217 -14.16 6.03 -12.00
CA GLN A 217 -14.56 7.11 -12.95
C GLN A 217 -15.33 8.18 -12.17
N ALA A 218 -16.17 7.80 -11.21
CA ALA A 218 -16.93 8.79 -10.39
C ALA A 218 -15.95 9.63 -9.55
N LEU A 219 -14.89 9.01 -8.98
CA LEU A 219 -13.83 9.69 -8.20
C LEU A 219 -13.06 10.65 -9.10
N GLU A 220 -12.66 10.19 -10.27
CA GLU A 220 -11.94 11.05 -11.24
C GLU A 220 -12.75 12.34 -11.42
N LEU A 221 -14.04 12.21 -11.77
CA LEU A 221 -14.86 13.39 -12.13
C LEU A 221 -15.04 14.26 -10.88
N GLN A 222 -15.33 13.64 -9.75
CA GLN A 222 -15.52 14.36 -8.46
C GLN A 222 -14.29 15.26 -8.17
N LEU A 223 -13.10 14.73 -8.29
CA LEU A 223 -11.87 15.45 -7.91
C LEU A 223 -11.61 16.60 -8.88
N LYS A 224 -11.85 16.39 -10.18
CA LYS A 224 -11.71 17.46 -11.20
C LYS A 224 -12.71 18.61 -10.93
N LEU A 225 -13.96 18.32 -10.54
CA LEU A 225 -15.01 19.34 -10.31
C LEU A 225 -14.77 20.02 -8.96
N ASN A 226 -14.28 19.29 -7.96
CA ASN A 226 -14.20 19.76 -6.55
C ASN A 226 -12.84 20.37 -6.22
N HIS A 227 -11.80 20.18 -7.03
CA HIS A 227 -10.41 20.52 -6.64
C HIS A 227 -9.69 21.14 -7.84
N PRO A 228 -10.07 22.37 -8.22
CA PRO A 228 -9.44 23.04 -9.35
C PRO A 228 -7.93 23.26 -9.12
N GLU A 229 -7.51 23.30 -7.85
CA GLU A 229 -6.13 23.66 -7.42
C GLU A 229 -5.13 22.48 -7.58
N SER A 230 -5.58 21.24 -7.79
CA SER A 230 -4.72 20.02 -7.75
C SER A 230 -5.00 19.11 -8.96
N SER A 231 -4.21 19.23 -10.04
CA SER A 231 -4.51 18.49 -11.30
C SER A 231 -4.12 17.01 -11.22
N GLN A 232 -3.28 16.54 -10.27
CA GLN A 232 -2.99 15.07 -10.13
C GLN A 232 -3.53 14.54 -8.79
N LEU A 233 -4.63 15.11 -8.30
CA LEU A 233 -5.17 14.72 -7.00
C LEU A 233 -5.60 13.25 -7.08
N PHE A 234 -6.17 12.84 -8.21
CA PHE A 234 -6.61 11.42 -8.41
C PHE A 234 -5.46 10.43 -8.24
N ALA A 235 -4.31 10.62 -8.93
CA ALA A 235 -3.07 9.83 -8.72
C ALA A 235 -2.56 9.89 -7.28
N LYS A 236 -2.61 11.05 -6.62
CA LYS A 236 -2.13 11.18 -5.22
C LYS A 236 -3.05 10.33 -4.35
N LEU A 237 -4.37 10.32 -4.61
CA LEU A 237 -5.33 9.57 -3.73
C LEU A 237 -5.14 8.08 -3.94
N LEU A 238 -4.95 7.63 -5.18
CA LEU A 238 -4.63 6.19 -5.44
C LEU A 238 -3.37 5.77 -4.65
N GLN A 239 -2.36 6.63 -4.49
CA GLN A 239 -1.13 6.33 -3.70
C GLN A 239 -1.47 6.34 -2.20
N LYS A 240 -2.42 7.14 -1.76
CA LYS A 240 -2.86 7.09 -0.33
C LYS A 240 -3.50 5.74 -0.03
N MET A 241 -4.24 5.17 -0.99
CA MET A 241 -4.84 3.83 -0.80
C MET A 241 -3.76 2.78 -0.54
N THR A 242 -2.66 2.80 -1.30
CA THR A 242 -1.47 1.97 -1.03
C THR A 242 -0.96 2.24 0.39
N ASP A 243 -0.81 3.50 0.80
CA ASP A 243 -0.29 3.87 2.13
C ASP A 243 -1.20 3.26 3.21
N LEU A 244 -2.52 3.31 3.03
CA LEU A 244 -3.48 2.73 4.02
C LEU A 244 -3.23 1.22 4.13
N ARG A 245 -3.09 0.50 3.01
CA ARG A 245 -2.75 -0.95 3.05
C ARG A 245 -1.43 -1.21 3.79
N GLN A 246 -0.40 -0.38 3.58
CA GLN A 246 0.93 -0.54 4.23
C GLN A 246 0.77 -0.36 5.76
N ILE A 247 -0.05 0.59 6.22
CA ILE A 247 -0.23 0.79 7.69
C ILE A 247 -0.87 -0.46 8.28
N VAL A 248 -1.89 -1.00 7.62
CA VAL A 248 -2.56 -2.25 8.08
C VAL A 248 -1.50 -3.37 8.10
N THR A 249 -0.70 -3.54 7.05
CA THR A 249 0.34 -4.59 7.00
C THR A 249 1.34 -4.41 8.15
N GLU A 250 1.72 -3.17 8.49
CA GLU A 250 2.66 -2.86 9.60
C GLU A 250 2.06 -3.33 10.92
N HIS A 251 0.75 -3.18 11.12
CA HIS A 251 0.09 -3.65 12.37
C HIS A 251 0.22 -5.18 12.47
N VAL A 252 -0.17 -5.86 11.41
CA VAL A 252 -0.16 -7.34 11.33
C VAL A 252 1.28 -7.82 11.55
N GLN A 253 2.30 -7.20 10.92
CA GLN A 253 3.73 -7.59 11.07
C GLN A 253 4.18 -7.33 12.51
N LEU A 254 3.88 -6.14 13.05
CA LEU A 254 4.33 -5.78 14.41
C LEU A 254 3.77 -6.79 15.41
N LEU A 255 2.52 -7.18 15.23
CA LEU A 255 1.88 -8.22 16.09
C LEU A 255 2.66 -9.54 16.00
N GLN A 256 3.17 -9.95 14.83
CA GLN A 256 4.01 -11.17 14.70
C GLN A 256 5.28 -10.99 15.54
N VAL A 257 5.98 -9.86 15.35
CA VAL A 257 7.20 -9.47 16.12
C VAL A 257 6.92 -9.43 17.63
N ILE A 258 5.90 -8.71 18.13
CA ILE A 258 5.71 -8.55 19.62
C ILE A 258 5.41 -9.92 20.23
N LYS A 259 4.75 -10.80 19.48
CA LYS A 259 4.27 -12.12 19.99
C LYS A 259 5.46 -13.02 20.32
N LYS A 260 6.64 -12.77 19.74
CA LYS A 260 7.86 -13.57 20.01
C LYS A 260 8.75 -12.89 21.05
N THR A 261 8.45 -11.67 21.46
CA THR A 261 9.25 -10.97 22.50
C THR A 261 8.82 -11.49 23.87
N GLU A 262 9.72 -11.37 24.85
CA GLU A 262 9.49 -11.62 26.29
C GLU A 262 10.11 -10.44 27.05
N THR A 263 9.76 -9.22 26.65
CA THR A 263 10.17 -7.97 27.32
C THR A 263 9.18 -7.66 28.44
N ASP A 264 9.70 -7.34 29.63
CA ASP A 264 8.93 -6.89 30.80
C ASP A 264 8.99 -5.37 30.86
N MET A 265 7.86 -4.72 31.17
CA MET A 265 7.76 -3.24 31.24
C MET A 265 6.42 -2.85 31.85
N SER A 266 6.25 -1.59 32.20
CA SER A 266 4.98 -1.01 32.68
C SER A 266 4.48 0.01 31.66
N LEU A 267 3.17 0.21 31.63
CA LEU A 267 2.50 1.31 30.90
C LEU A 267 1.35 1.74 31.78
N HIS A 268 1.28 3.02 32.09
CA HIS A 268 0.26 3.51 33.04
C HIS A 268 -1.11 3.06 32.52
N PRO A 269 -2.02 2.59 33.40
CA PRO A 269 -3.37 2.19 33.00
C PRO A 269 -4.12 3.27 32.20
N LEU A 270 -3.85 4.55 32.46
CA LEU A 270 -4.61 5.63 31.80
C LEU A 270 -4.12 5.77 30.35
N LEU A 271 -2.84 5.47 30.09
CA LEU A 271 -2.22 5.42 28.74
C LEU A 271 -2.73 4.18 28.00
N GLN A 272 -2.86 3.05 28.68
CA GLN A 272 -3.51 1.85 28.09
C GLN A 272 -4.93 2.19 27.63
N GLU A 273 -5.69 2.90 28.46
CA GLU A 273 -7.06 3.34 28.15
C GLU A 273 -7.07 4.20 26.87
N ILE A 274 -6.17 5.19 26.78
CA ILE A 274 -6.16 6.12 25.62
C ILE A 274 -5.82 5.35 24.33
N TYR A 275 -4.84 4.43 24.37
CA TYR A 275 -4.46 3.62 23.19
C TYR A 275 -5.69 2.84 22.67
N LYS A 276 -6.62 2.44 23.54
CA LYS A 276 -7.86 1.73 23.14
C LYS A 276 -8.74 2.61 22.24
N ASP A 277 -8.56 3.93 22.26
CA ASP A 277 -9.35 4.87 21.45
C ASP A 277 -8.68 5.07 20.10
N LEU A 278 -7.51 4.46 19.90
CA LEU A 278 -6.72 4.69 18.66
C LEU A 278 -6.84 3.46 17.73
N TYR A 279 -5.95 3.31 16.76
CA TYR A 279 -5.96 2.16 15.83
C TYR A 279 -4.60 2.05 15.17
N ALA B 11 7.43 23.05 -17.76
CA ALA B 11 8.08 21.88 -18.34
C ALA B 11 7.31 21.51 -19.61
N ASP B 12 8.06 21.27 -20.66
CA ASP B 12 7.56 20.61 -21.88
C ASP B 12 7.42 19.12 -21.51
N LEU B 13 6.21 18.60 -21.32
CA LEU B 13 6.02 17.19 -20.85
C LEU B 13 6.43 16.21 -21.96
N ARG B 14 6.34 16.62 -23.23
CA ARG B 14 6.74 15.76 -24.36
C ARG B 14 8.28 15.63 -24.40
N ALA B 15 9.02 16.74 -24.35
CA ALA B 15 10.50 16.75 -24.20
C ALA B 15 10.90 15.91 -22.98
N LEU B 16 10.17 16.00 -21.89
CA LEU B 16 10.46 15.20 -20.69
C LEU B 16 10.29 13.71 -21.02
N ALA B 17 9.20 13.32 -21.69
CA ALA B 17 8.94 11.90 -22.06
C ALA B 17 10.16 11.43 -22.87
N LYS B 18 10.63 12.27 -23.79
CA LYS B 18 11.67 11.80 -24.75
C LYS B 18 12.98 11.64 -23.99
N HIS B 19 13.34 12.60 -23.15
CA HIS B 19 14.55 12.59 -22.29
C HIS B 19 14.55 11.34 -21.42
N LEU B 20 13.41 11.01 -20.81
CA LEU B 20 13.39 9.83 -19.92
C LEU B 20 13.52 8.57 -20.79
N TYR B 21 12.87 8.47 -21.94
CA TYR B 21 13.01 7.26 -22.79
C TYR B 21 14.50 7.11 -23.17
N ASP B 22 15.14 8.18 -23.64
CA ASP B 22 16.57 8.16 -24.07
C ASP B 22 17.47 7.68 -22.93
N SER B 23 17.24 8.17 -21.71
CA SER B 23 18.00 7.83 -20.49
C SER B 23 17.71 6.39 -20.03
N TYR B 24 16.48 5.88 -20.21
CA TYR B 24 16.07 4.47 -19.94
C TYR B 24 16.85 3.52 -20.87
N ILE B 25 16.94 3.86 -22.16
CA ILE B 25 17.71 3.06 -23.17
C ILE B 25 19.19 2.96 -22.76
N LYS B 26 19.78 4.05 -22.28
CA LYS B 26 21.20 4.10 -21.86
C LYS B 26 21.45 3.30 -20.58
N SER B 27 20.48 3.25 -19.67
CA SER B 27 20.62 2.64 -18.32
C SER B 27 20.38 1.12 -18.34
N PHE B 28 19.46 0.62 -19.15
CA PHE B 28 18.91 -0.76 -19.03
C PHE B 28 19.19 -1.49 -20.34
N PRO B 29 20.16 -2.42 -20.35
CA PRO B 29 20.55 -3.09 -21.60
C PRO B 29 19.44 -4.02 -22.09
N LEU B 30 18.70 -4.67 -21.19
CA LEU B 30 17.59 -5.57 -21.60
C LEU B 30 16.24 -4.85 -21.46
N THR B 31 15.77 -4.25 -22.55
CA THR B 31 14.48 -3.49 -22.62
C THR B 31 13.29 -4.44 -22.80
N LYS B 32 12.07 -3.93 -22.60
CA LYS B 32 10.84 -4.72 -22.90
C LYS B 32 10.83 -5.10 -24.39
N ALA B 33 11.18 -4.16 -25.27
CA ALA B 33 11.21 -4.41 -26.72
C ALA B 33 12.08 -5.65 -27.00
N LYS B 34 13.28 -5.72 -26.42
CA LYS B 34 14.24 -6.83 -26.67
C LYS B 34 13.68 -8.09 -26.01
N ALA B 35 13.16 -7.98 -24.80
CA ALA B 35 12.55 -9.15 -24.12
C ALA B 35 11.38 -9.74 -24.91
N ARG B 36 10.42 -8.93 -25.39
CA ARG B 36 9.24 -9.46 -26.12
C ARG B 36 9.72 -10.07 -27.45
N ALA B 37 10.73 -9.51 -28.09
CA ALA B 37 11.34 -10.04 -29.33
C ALA B 37 11.78 -11.50 -29.09
N ILE B 38 12.48 -11.75 -27.98
CA ILE B 38 13.02 -13.08 -27.56
C ILE B 38 11.85 -13.98 -27.22
N LEU B 39 10.85 -13.51 -26.46
CA LEU B 39 9.70 -14.34 -26.00
C LEU B 39 8.82 -14.78 -27.18
N THR B 40 8.68 -13.96 -28.22
CA THR B 40 7.80 -14.25 -29.38
C THR B 40 8.61 -15.00 -30.43
N GLY B 41 9.95 -14.94 -30.40
CA GLY B 41 10.83 -15.66 -31.33
C GLY B 41 11.25 -14.79 -32.50
N LYS B 42 10.85 -13.51 -32.51
CA LYS B 42 11.23 -12.48 -33.53
C LYS B 42 12.40 -11.64 -33.02
N SER B 47 17.59 -18.53 -30.10
CA SER B 47 16.33 -19.13 -29.57
C SER B 47 16.59 -19.66 -28.18
N PRO B 48 15.93 -19.19 -27.09
CA PRO B 48 16.41 -19.47 -25.73
C PRO B 48 16.31 -20.96 -25.33
N PHE B 49 17.30 -21.46 -24.58
CA PHE B 49 17.27 -22.79 -23.94
C PHE B 49 16.10 -22.74 -22.96
N VAL B 50 15.44 -23.86 -22.74
CA VAL B 50 14.20 -23.89 -21.92
C VAL B 50 14.49 -24.78 -20.71
N ILE B 51 14.11 -24.32 -19.52
CA ILE B 51 14.12 -25.20 -18.32
C ILE B 51 12.65 -25.47 -17.97
N TYR B 52 12.22 -26.73 -18.08
CA TYR B 52 10.83 -27.14 -17.82
C TYR B 52 10.76 -28.40 -16.96
N ASP B 53 11.89 -29.02 -16.63
CA ASP B 53 11.92 -30.32 -15.89
C ASP B 53 13.36 -30.58 -15.43
N MET B 54 13.60 -31.68 -14.74
CA MET B 54 14.92 -31.98 -14.17
C MET B 54 15.94 -32.18 -15.30
N ASN B 55 15.63 -32.97 -16.32
CA ASN B 55 16.56 -33.17 -17.47
C ASN B 55 17.00 -31.80 -18.00
N SER B 56 16.05 -30.94 -18.31
CA SER B 56 16.34 -29.66 -18.98
C SER B 56 17.06 -28.70 -18.00
N LEU B 57 16.74 -28.72 -16.71
CA LEU B 57 17.50 -27.94 -15.71
C LEU B 57 18.98 -28.34 -15.78
N MET B 58 19.29 -29.64 -15.82
CA MET B 58 20.69 -30.11 -15.88
C MET B 58 21.32 -29.65 -17.20
N MET B 59 20.59 -29.70 -18.32
CA MET B 59 21.14 -29.27 -19.63
C MET B 59 21.48 -27.76 -19.52
N GLY B 60 20.68 -26.98 -18.79
CA GLY B 60 20.84 -25.50 -18.74
C GLY B 60 21.56 -25.05 -17.48
N GLU B 61 21.95 -25.99 -16.62
CA GLU B 61 22.51 -25.65 -15.28
C GLU B 61 23.75 -24.75 -15.38
N ASP B 62 24.59 -24.94 -16.40
CA ASP B 62 25.84 -24.18 -16.55
C ASP B 62 25.51 -22.68 -16.68
N LYS B 63 24.35 -22.35 -17.27
CA LYS B 63 23.93 -20.94 -17.53
C LYS B 63 23.27 -20.31 -16.29
N ILE B 64 22.95 -21.06 -15.25
CA ILE B 64 22.32 -20.48 -14.02
C ILE B 64 23.10 -20.86 -12.76
N LYS B 65 24.34 -21.35 -12.92
CA LYS B 65 25.31 -21.63 -11.81
C LYS B 65 25.43 -20.42 -10.88
N PHE B 66 25.35 -20.59 -9.56
CA PHE B 66 25.74 -19.52 -8.61
C PHE B 66 27.11 -19.83 -7.98
N ILE B 81 17.50 -15.88 4.01
CA ILE B 81 18.23 -17.17 3.91
C ILE B 81 19.02 -17.19 2.59
N ARG B 82 20.11 -17.95 2.60
CA ARG B 82 21.04 -18.21 1.48
C ARG B 82 20.34 -18.72 0.21
N ILE B 83 19.08 -19.18 0.21
CA ILE B 83 18.46 -19.65 -1.08
C ILE B 83 18.20 -18.45 -2.02
N PHE B 84 18.19 -17.23 -1.50
CA PHE B 84 18.04 -15.97 -2.28
C PHE B 84 19.35 -15.23 -2.51
N GLN B 85 20.49 -15.82 -2.16
CA GLN B 85 21.80 -15.13 -2.30
C GLN B 85 22.09 -14.85 -3.78
N GLY B 86 21.71 -15.75 -4.68
CA GLY B 86 21.94 -15.53 -6.12
C GLY B 86 21.17 -14.31 -6.61
N CYS B 87 19.89 -14.18 -6.25
CA CYS B 87 19.07 -13.02 -6.73
C CYS B 87 19.52 -11.75 -6.01
N GLN B 88 19.93 -11.86 -4.75
CA GLN B 88 20.52 -10.72 -4.00
C GLN B 88 21.78 -10.24 -4.74
N PHE B 89 22.66 -11.15 -5.14
CA PHE B 89 23.87 -10.76 -5.91
C PHE B 89 23.47 -10.22 -7.30
N ARG B 90 22.55 -10.86 -8.01
CA ARG B 90 22.11 -10.39 -9.35
C ARG B 90 21.54 -8.95 -9.24
N SER B 91 20.85 -8.62 -8.15
CA SER B 91 20.08 -7.36 -7.99
C SER B 91 21.02 -6.16 -7.89
N VAL B 92 22.28 -6.39 -7.49
CA VAL B 92 23.31 -5.31 -7.41
C VAL B 92 23.37 -4.55 -8.75
N GLU B 93 23.50 -5.27 -9.86
CA GLU B 93 23.53 -4.66 -11.22
C GLU B 93 22.24 -3.85 -11.47
N ALA B 94 21.08 -4.41 -11.16
CA ALA B 94 19.78 -3.73 -11.37
C ALA B 94 19.74 -2.43 -10.55
N VAL B 95 20.20 -2.48 -9.30
CA VAL B 95 20.18 -1.32 -8.35
C VAL B 95 21.09 -0.22 -8.91
N GLN B 96 22.22 -0.63 -9.45
CA GLN B 96 23.16 0.32 -10.10
C GLN B 96 22.52 0.96 -11.34
N GLU B 97 21.91 0.19 -12.22
CA GLU B 97 21.26 0.73 -13.46
C GLU B 97 20.11 1.68 -13.09
N ILE B 98 19.27 1.32 -12.13
CA ILE B 98 18.12 2.17 -11.68
C ILE B 98 18.65 3.44 -11.04
N THR B 99 19.75 3.36 -10.29
CA THR B 99 20.39 4.54 -9.67
C THR B 99 20.89 5.48 -10.78
N GLU B 100 21.52 4.95 -11.81
CA GLU B 100 22.02 5.77 -12.95
C GLU B 100 20.82 6.43 -13.63
N TYR B 101 19.74 5.68 -13.85
CA TYR B 101 18.51 6.23 -14.46
C TYR B 101 17.97 7.39 -13.61
N ALA B 102 17.85 7.19 -12.30
CA ALA B 102 17.32 8.20 -11.35
C ALA B 102 18.09 9.51 -11.49
N LYS B 103 19.39 9.47 -11.74
CA LYS B 103 20.19 10.72 -11.87
C LYS B 103 19.74 11.51 -13.10
N SER B 104 19.10 10.86 -14.06
CA SER B 104 18.63 11.50 -15.32
C SER B 104 17.26 12.16 -15.12
N ILE B 105 16.59 11.95 -13.98
CA ILE B 105 15.21 12.52 -13.78
C ILE B 105 15.37 13.96 -13.33
N PRO B 106 14.87 14.95 -14.09
CA PRO B 106 15.16 16.34 -13.77
C PRO B 106 14.77 16.67 -12.33
N GLY B 107 15.71 17.25 -11.59
CA GLY B 107 15.51 17.71 -10.20
C GLY B 107 16.01 16.68 -9.21
N PHE B 108 16.18 15.42 -9.62
CA PHE B 108 16.52 14.34 -8.66
C PHE B 108 17.84 14.61 -7.94
N VAL B 109 18.90 14.97 -8.68
CA VAL B 109 20.25 15.09 -8.05
C VAL B 109 20.30 16.39 -7.23
N ASN B 110 19.30 17.24 -7.33
CA ASN B 110 19.20 18.49 -6.52
C ASN B 110 18.56 18.18 -5.17
N LEU B 111 17.90 17.03 -5.02
CA LEU B 111 17.31 16.62 -3.72
C LEU B 111 18.45 16.37 -2.73
N ASP B 112 18.19 16.55 -1.44
CA ASP B 112 19.10 16.12 -0.36
C ASP B 112 19.60 14.70 -0.65
N LEU B 113 20.91 14.46 -0.52
CA LEU B 113 21.55 13.17 -0.88
C LEU B 113 20.91 12.02 -0.09
N ASN B 114 20.61 12.20 1.20
CA ASN B 114 19.99 11.14 2.02
C ASN B 114 18.62 10.75 1.44
N ASP B 115 17.87 11.76 0.98
CA ASP B 115 16.53 11.58 0.38
C ASP B 115 16.70 10.77 -0.93
N GLN B 116 17.73 11.07 -1.73
CA GLN B 116 18.02 10.29 -2.96
C GLN B 116 18.18 8.83 -2.58
N VAL B 117 18.97 8.56 -1.54
CA VAL B 117 19.29 7.18 -1.09
C VAL B 117 18.00 6.52 -0.61
N THR B 118 17.22 7.24 0.20
CA THR B 118 15.94 6.72 0.76
C THR B 118 14.99 6.40 -0.41
N LEU B 119 14.83 7.29 -1.40
CA LEU B 119 13.92 7.01 -2.54
C LEU B 119 14.39 5.73 -3.24
N LEU B 120 15.70 5.59 -3.44
CA LEU B 120 16.21 4.46 -4.25
C LEU B 120 16.13 3.17 -3.44
N LYS B 121 16.38 3.20 -2.13
CA LYS B 121 16.53 1.93 -1.37
C LYS B 121 15.15 1.25 -1.23
N TYR B 122 14.07 2.01 -1.21
CA TYR B 122 12.68 1.47 -1.26
C TYR B 122 12.23 1.27 -2.72
N GLY B 123 12.58 2.20 -3.60
CA GLY B 123 12.08 2.21 -4.99
C GLY B 123 12.56 1.02 -5.78
N VAL B 124 13.82 0.61 -5.60
CA VAL B 124 14.47 -0.37 -6.51
C VAL B 124 13.64 -1.66 -6.52
N HIS B 125 13.08 -2.07 -5.40
CA HIS B 125 12.39 -3.37 -5.30
C HIS B 125 11.14 -3.36 -6.19
N GLU B 126 10.36 -2.28 -6.17
CA GLU B 126 9.14 -2.16 -7.00
C GLU B 126 9.57 -2.09 -8.48
N ILE B 127 10.66 -1.40 -8.76
CA ILE B 127 11.14 -1.27 -10.18
C ILE B 127 11.64 -2.62 -10.69
N ILE B 128 12.41 -3.37 -9.91
CA ILE B 128 12.83 -4.73 -10.33
C ILE B 128 11.57 -5.54 -10.69
N TYR B 129 10.51 -5.50 -9.88
CA TYR B 129 9.30 -6.30 -10.21
C TYR B 129 8.64 -5.77 -11.50
N THR B 130 8.64 -4.46 -11.74
CA THR B 130 8.07 -3.88 -12.96
C THR B 130 8.86 -4.40 -14.16
N MET B 131 10.17 -4.40 -14.07
CA MET B 131 11.06 -4.80 -15.17
C MET B 131 11.10 -6.34 -15.29
N LEU B 132 10.83 -7.07 -14.23
CA LEU B 132 10.72 -8.55 -14.31
C LEU B 132 9.48 -8.94 -15.14
N ALA B 133 8.37 -8.22 -14.98
CA ALA B 133 7.13 -8.44 -15.76
C ALA B 133 7.45 -8.40 -17.26
N SER B 134 8.34 -7.52 -17.72
CA SER B 134 8.77 -7.43 -19.14
C SER B 134 9.34 -8.76 -19.63
N LEU B 135 9.93 -9.55 -18.74
CA LEU B 135 10.61 -10.83 -19.06
C LEU B 135 9.63 -12.00 -18.97
N MET B 136 8.43 -11.76 -18.48
CA MET B 136 7.46 -12.84 -18.16
C MET B 136 6.30 -12.88 -19.16
N ASN B 137 5.82 -14.08 -19.43
CA ASN B 137 4.53 -14.28 -20.11
C ASN B 137 3.79 -15.29 -19.25
N LYS B 138 2.62 -15.75 -19.70
CA LYS B 138 1.76 -16.63 -18.86
C LYS B 138 2.41 -18.00 -18.73
N ASP B 139 3.43 -18.30 -19.53
CA ASP B 139 4.06 -19.65 -19.60
C ASP B 139 5.41 -19.72 -18.89
N GLY B 140 6.04 -18.59 -18.57
CA GLY B 140 7.37 -18.57 -17.93
C GLY B 140 8.13 -17.28 -18.08
N VAL B 141 9.43 -17.32 -17.84
CA VAL B 141 10.24 -16.09 -17.59
C VAL B 141 11.61 -16.24 -18.23
N LEU B 142 12.12 -15.17 -18.84
CA LEU B 142 13.51 -15.11 -19.37
C LEU B 142 14.51 -15.09 -18.21
N ILE B 143 15.52 -15.95 -18.31
CA ILE B 143 16.63 -16.05 -17.34
C ILE B 143 17.94 -15.88 -18.12
N SER B 144 19.05 -15.78 -17.42
CA SER B 144 20.41 -15.72 -18.04
C SER B 144 20.42 -14.61 -19.10
N GLU B 145 19.86 -13.45 -18.74
CA GLU B 145 19.85 -12.20 -19.57
C GLU B 145 19.14 -12.43 -20.91
N GLY B 146 18.16 -13.33 -20.97
CA GLY B 146 17.32 -13.56 -22.16
C GLY B 146 17.80 -14.73 -22.98
N GLN B 147 18.90 -15.36 -22.58
CA GLN B 147 19.44 -16.57 -23.29
C GLN B 147 18.62 -17.81 -22.95
N GLY B 148 17.87 -17.77 -21.85
CA GLY B 148 17.10 -18.93 -21.35
C GLY B 148 15.66 -18.56 -21.03
N PHE B 149 14.81 -19.59 -20.87
CA PHE B 149 13.37 -19.46 -20.50
C PHE B 149 13.07 -20.55 -19.47
N MET B 150 12.62 -20.16 -18.28
CA MET B 150 12.21 -21.11 -17.20
C MET B 150 10.68 -21.15 -17.17
N THR B 151 10.03 -22.33 -17.26
CA THR B 151 8.56 -22.41 -17.37
C THR B 151 7.93 -22.08 -16.01
N ARG B 152 6.81 -21.38 -16.04
CA ARG B 152 5.98 -21.15 -14.85
C ARG B 152 5.63 -22.49 -14.19
N GLU B 153 5.39 -23.54 -14.98
CA GLU B 153 5.00 -24.86 -14.44
C GLU B 153 6.19 -25.47 -13.64
N PHE B 154 7.41 -25.36 -14.15
CA PHE B 154 8.64 -25.83 -13.46
C PHE B 154 8.80 -25.16 -12.08
N LEU B 155 8.54 -23.85 -11.98
CA LEU B 155 8.62 -23.11 -10.71
C LEU B 155 7.47 -23.53 -9.78
N LYS B 156 6.26 -23.81 -10.28
CA LYS B 156 5.15 -24.31 -9.41
C LYS B 156 5.50 -25.69 -8.87
N SER B 157 6.27 -26.44 -9.65
CA SER B 157 6.63 -27.86 -9.36
C SER B 157 7.70 -27.97 -8.25
N LEU B 158 8.34 -26.88 -7.82
CA LEU B 158 9.25 -26.91 -6.63
C LEU B 158 8.38 -27.40 -5.46
N ARG B 159 8.97 -28.14 -4.52
CA ARG B 159 8.22 -28.66 -3.33
C ARG B 159 7.75 -27.49 -2.44
N LYS B 160 6.62 -27.69 -1.76
CA LYS B 160 6.05 -26.69 -0.84
C LYS B 160 7.13 -26.30 0.15
N PRO B 161 7.33 -25.03 0.53
CA PRO B 161 6.59 -23.87 0.00
C PRO B 161 7.21 -23.16 -1.23
N PHE B 162 8.30 -23.75 -1.75
CA PHE B 162 9.23 -23.09 -2.71
C PHE B 162 8.49 -22.85 -4.02
N GLY B 163 7.55 -23.73 -4.33
CA GLY B 163 6.70 -23.60 -5.53
C GLY B 163 5.66 -22.49 -5.43
N ASP B 164 5.48 -21.85 -4.26
CA ASP B 164 4.51 -20.75 -4.04
C ASP B 164 5.13 -19.37 -4.27
N PHE B 165 6.45 -19.29 -4.38
CA PHE B 165 7.19 -18.00 -4.27
C PHE B 165 7.07 -17.16 -5.55
N MET B 166 7.12 -17.78 -6.73
CA MET B 166 7.11 -17.00 -7.99
C MET B 166 5.71 -16.82 -8.53
N GLU B 167 4.75 -17.70 -8.22
CA GLU B 167 3.40 -17.72 -8.85
C GLU B 167 2.70 -16.35 -8.72
N PRO B 168 2.71 -15.68 -7.53
CA PRO B 168 2.11 -14.36 -7.37
C PRO B 168 2.74 -13.32 -8.31
N LYS B 169 4.05 -13.48 -8.61
CA LYS B 169 4.78 -12.56 -9.51
C LYS B 169 4.29 -12.81 -10.93
N PHE B 170 4.09 -14.07 -11.34
CA PHE B 170 3.45 -14.39 -12.65
C PHE B 170 2.03 -13.77 -12.70
N GLU B 171 1.21 -13.96 -11.66
CA GLU B 171 -0.19 -13.46 -11.65
C GLU B 171 -0.19 -11.94 -11.83
N PHE B 172 0.69 -11.23 -11.13
CA PHE B 172 0.90 -9.75 -11.31
C PHE B 172 1.28 -9.48 -12.76
N ALA B 173 2.29 -10.19 -13.30
CA ALA B 173 2.88 -9.89 -14.62
C ALA B 173 1.84 -10.02 -15.73
N VAL B 174 0.98 -11.05 -15.68
CA VAL B 174 -0.08 -11.23 -16.71
C VAL B 174 -1.01 -10.00 -16.74
N LYS B 175 -1.42 -9.53 -15.55
CA LYS B 175 -2.34 -8.37 -15.41
C LYS B 175 -1.56 -7.11 -15.86
N PHE B 176 -0.31 -6.96 -15.43
CA PHE B 176 0.51 -5.75 -15.79
C PHE B 176 0.77 -5.74 -17.30
N ASN B 177 1.19 -6.88 -17.83
CA ASN B 177 1.48 -6.99 -19.29
C ASN B 177 0.21 -6.81 -20.15
N ALA B 178 -0.99 -7.07 -19.63
CA ALA B 178 -2.26 -6.87 -20.35
C ALA B 178 -2.47 -5.37 -20.63
N LEU B 179 -1.74 -4.48 -19.96
CA LEU B 179 -1.83 -3.03 -20.24
C LEU B 179 -1.05 -2.69 -21.52
N GLU B 180 -0.16 -3.58 -21.96
CA GLU B 180 0.62 -3.45 -23.22
C GLU B 180 1.43 -2.15 -23.24
N LEU B 181 2.10 -1.84 -22.13
CA LEU B 181 2.95 -0.63 -22.05
C LEU B 181 4.17 -0.83 -22.96
N ASP B 182 4.60 0.27 -23.57
CA ASP B 182 5.94 0.37 -24.19
C ASP B 182 6.99 0.80 -23.17
N ASP B 183 8.25 0.67 -23.60
CA ASP B 183 9.48 1.10 -22.87
C ASP B 183 9.39 2.60 -22.59
N SER B 184 8.81 3.35 -23.51
CA SER B 184 8.62 4.83 -23.35
C SER B 184 7.71 5.09 -22.14
N ASP B 185 6.60 4.38 -22.08
CA ASP B 185 5.62 4.47 -20.95
C ASP B 185 6.29 4.02 -19.66
N LEU B 186 7.05 2.91 -19.70
CA LEU B 186 7.72 2.35 -18.49
C LEU B 186 8.77 3.31 -17.95
N ALA B 187 9.52 3.99 -18.82
CA ALA B 187 10.50 5.00 -18.39
C ALA B 187 9.83 6.00 -17.44
N ILE B 188 8.66 6.52 -17.78
CA ILE B 188 8.00 7.60 -16.98
C ILE B 188 7.36 6.95 -15.74
N PHE B 189 6.75 5.78 -15.89
CA PHE B 189 6.18 5.06 -14.72
C PHE B 189 7.25 4.78 -13.65
N ILE B 190 8.39 4.22 -14.04
CA ILE B 190 9.53 3.98 -13.13
C ILE B 190 9.96 5.27 -12.41
N ALA B 191 10.03 6.38 -13.12
CA ALA B 191 10.40 7.69 -12.53
C ALA B 191 9.36 8.07 -11.48
N VAL B 192 8.09 7.87 -11.80
CA VAL B 192 6.97 8.15 -10.87
C VAL B 192 7.20 7.33 -9.60
N ILE B 193 7.50 6.04 -9.73
CA ILE B 193 7.75 5.15 -8.55
C ILE B 193 8.93 5.69 -7.72
N ILE B 194 10.05 6.06 -8.35
CA ILE B 194 11.25 6.54 -7.60
C ILE B 194 10.88 7.78 -6.77
N LEU B 195 10.15 8.73 -7.35
CA LEU B 195 9.74 9.99 -6.66
C LEU B 195 8.44 9.81 -5.85
N SER B 196 8.43 8.84 -4.93
CA SER B 196 7.36 8.56 -3.95
C SER B 196 7.67 9.27 -2.62
N GLY B 197 6.86 10.28 -2.29
CA GLY B 197 7.03 11.12 -1.12
C GLY B 197 6.56 10.43 0.13
N ASP B 198 6.13 9.17 0.02
CA ASP B 198 5.61 8.40 1.17
C ASP B 198 6.69 7.46 1.74
N ARG B 199 7.91 7.50 1.25
CA ARG B 199 9.00 6.63 1.77
C ARG B 199 9.32 7.04 3.21
N PRO B 200 9.51 6.06 4.11
CA PRO B 200 9.90 6.33 5.49
C PRO B 200 11.23 7.10 5.57
N GLY B 201 11.27 8.15 6.40
CA GLY B 201 12.50 8.85 6.82
C GLY B 201 12.97 9.86 5.80
N LEU B 202 12.09 10.30 4.90
CA LEU B 202 12.35 11.41 3.93
C LEU B 202 12.41 12.72 4.70
N LEU B 203 13.37 13.59 4.37
CA LEU B 203 13.56 14.87 5.06
C LEU B 203 12.65 15.92 4.41
N ASN B 204 12.71 16.07 3.08
CA ASN B 204 12.02 17.15 2.34
C ASN B 204 11.01 16.52 1.38
N VAL B 205 9.76 16.34 1.82
CA VAL B 205 8.72 15.60 1.05
C VAL B 205 8.24 16.49 -0.12
N LYS B 206 8.09 17.78 0.11
CA LYS B 206 7.41 18.70 -0.84
C LYS B 206 8.14 18.68 -2.18
N PRO B 207 9.47 18.85 -2.28
CA PRO B 207 10.10 18.87 -3.60
C PRO B 207 10.03 17.51 -4.33
N ILE B 208 10.01 16.41 -3.59
CA ILE B 208 9.78 15.06 -4.19
C ILE B 208 8.39 15.01 -4.83
N GLU B 209 7.35 15.44 -4.10
CA GLU B 209 5.95 15.47 -4.58
C GLU B 209 5.80 16.39 -5.80
N ASP B 210 6.46 17.54 -5.80
CA ASP B 210 6.44 18.49 -6.95
C ASP B 210 7.00 17.78 -8.20
N ILE B 211 8.15 17.13 -8.11
CA ILE B 211 8.74 16.40 -9.27
C ILE B 211 7.75 15.28 -9.67
N GLN B 212 7.21 14.54 -8.72
CA GLN B 212 6.26 13.44 -9.01
C GLN B 212 5.03 13.96 -9.73
N ASP B 213 4.51 15.14 -9.35
CA ASP B 213 3.30 15.75 -9.98
C ASP B 213 3.58 15.95 -11.47
N ASN B 214 4.73 16.52 -11.77
CA ASN B 214 5.21 16.76 -13.16
C ASN B 214 5.35 15.43 -13.93
N LEU B 215 5.95 14.41 -13.32
CA LEU B 215 6.11 13.07 -13.95
C LEU B 215 4.72 12.44 -14.20
N LEU B 216 3.79 12.55 -13.24
CA LEU B 216 2.42 12.02 -13.40
C LEU B 216 1.72 12.70 -14.57
N GLN B 217 1.83 14.01 -14.71
CA GLN B 217 1.22 14.77 -15.83
C GLN B 217 1.81 14.26 -17.17
N ALA B 218 3.11 14.00 -17.20
CA ALA B 218 3.85 13.53 -18.41
C ALA B 218 3.38 12.10 -18.73
N LEU B 219 3.24 11.28 -17.71
CA LEU B 219 2.78 9.87 -17.88
C LEU B 219 1.36 9.86 -18.44
N GLU B 220 0.46 10.64 -17.86
CA GLU B 220 -0.95 10.73 -18.27
C GLU B 220 -1.03 11.14 -19.74
N LEU B 221 -0.28 12.16 -20.11
CA LEU B 221 -0.26 12.65 -21.51
C LEU B 221 0.28 11.55 -22.45
N GLN B 222 1.42 10.94 -22.09
CA GLN B 222 2.06 9.86 -22.89
C GLN B 222 1.07 8.70 -23.09
N LEU B 223 0.35 8.29 -22.05
CA LEU B 223 -0.61 7.15 -22.19
C LEU B 223 -1.79 7.57 -23.10
N LYS B 224 -2.23 8.83 -23.05
CA LYS B 224 -3.36 9.32 -23.88
C LYS B 224 -2.88 9.34 -25.32
N LEU B 225 -1.64 9.71 -25.58
CA LEU B 225 -1.15 9.83 -26.97
C LEU B 225 -0.75 8.46 -27.57
N ASN B 226 -0.14 7.59 -26.75
CA ASN B 226 0.43 6.28 -27.19
C ASN B 226 -0.68 5.23 -27.23
N HIS B 227 -1.69 5.38 -26.36
CA HIS B 227 -2.77 4.38 -26.21
C HIS B 227 -4.11 5.10 -26.27
N PRO B 228 -4.44 5.80 -27.38
CA PRO B 228 -5.66 6.61 -27.47
C PRO B 228 -6.92 5.78 -27.33
N GLU B 229 -6.88 4.48 -27.62
CA GLU B 229 -8.08 3.61 -27.56
C GLU B 229 -8.39 3.21 -26.12
N SER B 230 -7.59 3.60 -25.13
CA SER B 230 -7.67 3.06 -23.74
C SER B 230 -7.82 4.19 -22.72
N SER B 231 -9.04 4.70 -22.55
CA SER B 231 -9.28 5.95 -21.80
C SER B 231 -9.10 5.76 -20.28
N GLN B 232 -8.98 4.53 -19.74
CA GLN B 232 -8.77 4.33 -18.27
C GLN B 232 -7.40 3.69 -18.00
N LEU B 233 -6.50 3.74 -18.96
CA LEU B 233 -5.17 3.09 -18.81
C LEU B 233 -4.42 3.75 -17.63
N PHE B 234 -4.39 5.10 -17.53
CA PHE B 234 -3.66 5.80 -16.46
C PHE B 234 -4.13 5.25 -15.10
N ALA B 235 -5.44 5.19 -14.86
CA ALA B 235 -5.99 4.73 -13.57
C ALA B 235 -5.52 3.30 -13.31
N LYS B 236 -5.61 2.46 -14.33
CA LYS B 236 -5.29 1.01 -14.17
C LYS B 236 -3.79 0.84 -13.90
N LEU B 237 -2.93 1.65 -14.51
CA LEU B 237 -1.47 1.55 -14.25
C LEU B 237 -1.14 2.04 -12.84
N LEU B 238 -1.76 3.11 -12.37
CA LEU B 238 -1.51 3.63 -11.00
C LEU B 238 -1.91 2.56 -9.98
N GLN B 239 -2.98 1.85 -10.25
CA GLN B 239 -3.44 0.77 -9.31
C GLN B 239 -2.36 -0.29 -9.17
N LYS B 240 -1.56 -0.50 -10.22
CA LYS B 240 -0.46 -1.48 -10.20
C LYS B 240 0.61 -1.10 -9.17
N MET B 241 0.72 0.17 -8.77
CA MET B 241 1.69 0.55 -7.71
C MET B 241 1.30 -0.13 -6.40
N THR B 242 0.01 -0.37 -6.14
CA THR B 242 -0.49 -1.05 -4.94
C THR B 242 -0.02 -2.52 -4.98
N ASP B 243 -0.19 -3.16 -6.12
CA ASP B 243 0.22 -4.58 -6.34
C ASP B 243 1.73 -4.70 -6.11
N LEU B 244 2.53 -3.79 -6.68
CA LEU B 244 4.01 -3.82 -6.56
C LEU B 244 4.44 -3.69 -5.08
N ARG B 245 3.86 -2.73 -4.37
CA ARG B 245 4.15 -2.57 -2.92
C ARG B 245 3.80 -3.87 -2.20
N GLN B 246 2.63 -4.43 -2.49
CA GLN B 246 2.14 -5.64 -1.79
C GLN B 246 3.17 -6.76 -1.98
N ILE B 247 3.69 -6.92 -3.21
CA ILE B 247 4.65 -8.03 -3.50
C ILE B 247 5.94 -7.83 -2.67
N VAL B 248 6.46 -6.60 -2.54
CA VAL B 248 7.71 -6.26 -1.81
C VAL B 248 7.46 -6.58 -0.33
N THR B 249 6.34 -6.08 0.21
CA THR B 249 5.97 -6.28 1.63
C THR B 249 5.81 -7.78 1.92
N GLU B 250 5.26 -8.54 0.99
CA GLU B 250 5.05 -10.01 1.16
C GLU B 250 6.40 -10.74 1.23
N HIS B 251 7.48 -10.12 0.76
CA HIS B 251 8.83 -10.75 0.83
C HIS B 251 9.20 -11.10 2.27
N VAL B 252 8.93 -10.18 3.20
CA VAL B 252 9.11 -10.40 4.67
C VAL B 252 8.43 -11.71 5.09
N GLN B 253 7.25 -12.02 4.57
CA GLN B 253 6.50 -13.23 4.99
C GLN B 253 7.19 -14.46 4.42
N LEU B 254 7.73 -14.34 3.20
CA LEU B 254 8.43 -15.46 2.54
C LEU B 254 9.63 -15.85 3.41
N LEU B 255 10.37 -14.89 3.96
CA LEU B 255 11.57 -15.15 4.78
C LEU B 255 11.13 -15.87 6.05
N GLN B 256 10.01 -15.46 6.63
CA GLN B 256 9.40 -16.11 7.81
C GLN B 256 9.05 -17.57 7.45
N VAL B 257 8.42 -17.79 6.31
CA VAL B 257 7.98 -19.15 5.88
C VAL B 257 9.25 -20.01 5.69
N ILE B 258 10.29 -19.43 5.09
CA ILE B 258 11.56 -20.16 4.84
C ILE B 258 12.19 -20.56 6.19
N LYS B 259 12.26 -19.64 7.17
CA LYS B 259 12.84 -19.88 8.52
C LYS B 259 12.13 -21.02 9.26
N LYS B 260 10.85 -21.27 8.99
CA LYS B 260 10.07 -22.39 9.58
C LYS B 260 10.07 -23.63 8.68
N THR B 261 10.73 -23.66 7.52
CA THR B 261 10.68 -24.83 6.61
C THR B 261 11.82 -25.81 6.93
N GLU B 262 11.52 -27.10 6.97
CA GLU B 262 12.52 -28.20 7.00
C GLU B 262 12.99 -28.43 5.55
N THR B 263 14.27 -28.21 5.29
CA THR B 263 14.96 -28.50 4.01
C THR B 263 16.30 -29.20 4.30
N ASP B 264 16.63 -30.23 3.53
CA ASP B 264 17.99 -30.83 3.49
C ASP B 264 18.92 -29.74 2.96
N MET B 265 20.07 -29.53 3.61
CA MET B 265 21.12 -28.61 3.11
C MET B 265 21.42 -28.94 1.64
N SER B 266 21.42 -30.23 1.26
CA SER B 266 21.70 -30.73 -0.11
C SER B 266 20.75 -30.12 -1.16
N LEU B 267 19.54 -29.65 -0.78
CA LEU B 267 18.61 -29.00 -1.76
C LEU B 267 19.01 -27.54 -2.02
N HIS B 268 19.78 -26.90 -1.13
CA HIS B 268 20.02 -25.42 -1.17
C HIS B 268 20.69 -24.99 -2.49
N PRO B 269 21.74 -25.69 -2.98
CA PRO B 269 22.43 -25.24 -4.20
C PRO B 269 21.51 -25.22 -5.41
N LEU B 270 20.58 -26.16 -5.52
CA LEU B 270 19.56 -26.25 -6.58
C LEU B 270 18.60 -25.06 -6.47
N LEU B 271 18.07 -24.77 -5.28
CA LEU B 271 17.15 -23.61 -5.19
C LEU B 271 17.91 -22.32 -5.48
N GLN B 272 19.17 -22.22 -5.05
CA GLN B 272 19.94 -20.96 -5.22
C GLN B 272 20.06 -20.66 -6.71
N GLU B 273 20.37 -21.68 -7.51
CA GLU B 273 20.56 -21.45 -8.96
C GLU B 273 19.19 -21.18 -9.61
N ILE B 274 18.13 -21.85 -9.15
CA ILE B 274 16.78 -21.74 -9.74
C ILE B 274 16.24 -20.33 -9.51
N TYR B 275 16.52 -19.75 -8.34
CA TYR B 275 16.03 -18.39 -7.95
C TYR B 275 16.97 -17.27 -8.39
N LYS B 276 18.19 -17.61 -8.83
CA LYS B 276 19.26 -16.63 -9.11
C LYS B 276 18.74 -15.48 -9.97
N ASP B 277 18.06 -15.78 -11.07
CA ASP B 277 17.70 -14.75 -12.08
C ASP B 277 16.27 -14.26 -11.85
N LEU B 278 15.68 -14.51 -10.66
CA LEU B 278 14.28 -14.11 -10.41
C LEU B 278 14.30 -13.09 -9.28
N TYR B 279 13.16 -12.88 -8.63
CA TYR B 279 13.06 -11.91 -7.53
C TYR B 279 11.74 -12.08 -6.80
N SER C 3 -12.48 -19.72 13.56
CA SER C 3 -12.05 -18.54 12.73
C SER C 3 -11.31 -17.52 13.60
N THR C 4 -10.07 -17.17 13.21
CA THR C 4 -9.24 -16.19 13.93
C THR C 4 -9.95 -14.82 13.91
N ASN C 5 -10.84 -14.58 12.92
CA ASN C 5 -11.58 -13.31 12.74
C ASN C 5 -13.09 -13.47 12.98
N MET C 6 -13.50 -14.45 13.78
CA MET C 6 -14.94 -14.75 13.93
C MET C 6 -15.68 -13.57 14.57
N GLY C 7 -15.04 -12.78 15.44
CA GLY C 7 -15.64 -11.58 16.06
C GLY C 7 -16.04 -10.53 15.03
N LEU C 8 -15.05 -10.09 14.27
CA LEU C 8 -15.20 -9.10 13.18
C LEU C 8 -16.21 -9.61 12.14
N GLU C 9 -16.06 -10.85 11.68
CA GLU C 9 -16.97 -11.48 10.68
C GLU C 9 -18.38 -11.44 11.23
N ALA C 10 -18.58 -11.70 12.52
CA ALA C 10 -19.95 -11.79 13.10
C ALA C 10 -20.59 -10.40 13.05
N ILE C 11 -19.82 -9.37 13.40
CA ILE C 11 -20.37 -7.99 13.44
C ILE C 11 -20.83 -7.63 12.02
N ILE C 12 -19.98 -7.86 11.04
CA ILE C 12 -20.27 -7.57 9.62
C ILE C 12 -21.50 -8.35 9.16
N ARG C 13 -21.56 -9.65 9.49
CA ARG C 13 -22.65 -10.54 9.04
C ARG C 13 -23.97 -10.05 9.60
N LYS C 14 -24.00 -9.74 10.90
CA LYS C 14 -25.25 -9.28 11.56
C LYS C 14 -25.68 -7.98 10.90
N ALA C 15 -24.74 -7.08 10.64
CA ALA C 15 -25.08 -5.76 10.02
C ALA C 15 -25.58 -6.01 8.58
N LEU C 16 -24.99 -6.95 7.83
CA LEU C 16 -25.44 -7.20 6.42
C LEU C 16 -26.86 -7.80 6.43
N MET C 17 -27.09 -8.81 7.26
CA MET C 17 -28.34 -9.62 7.28
C MET C 17 -29.51 -8.85 7.90
N GLY C 18 -29.24 -7.86 8.73
CA GLY C 18 -30.29 -6.98 9.26
C GLY C 18 -30.58 -7.16 10.75
N LYS C 19 -30.89 -8.37 11.24
CA LYS C 19 -31.38 -8.58 12.62
C LYS C 19 -30.26 -9.17 13.47
N TYR C 20 -29.69 -8.38 14.39
CA TYR C 20 -28.53 -8.72 15.26
C TYR C 20 -28.71 -10.15 15.85
N ASP C 21 -29.89 -10.44 16.38
CA ASP C 21 -30.19 -11.60 17.27
C ASP C 21 -30.42 -12.91 16.48
N GLN C 22 -30.41 -12.88 15.14
CA GLN C 22 -30.77 -14.07 14.32
C GLN C 22 -29.55 -14.61 13.59
N TRP C 23 -28.43 -13.90 13.58
CA TRP C 23 -27.24 -14.28 12.74
C TRP C 23 -26.00 -14.40 13.63
N GLY D 7 26.05 -2.96 2.07
CA GLY D 7 24.58 -2.86 2.17
C GLY D 7 23.98 -2.26 0.91
N LEU D 8 22.66 -2.38 0.76
CA LEU D 8 21.87 -1.68 -0.29
C LEU D 8 22.24 -0.19 -0.33
N GLU D 9 22.29 0.49 0.83
CA GLU D 9 22.59 1.94 0.90
C GLU D 9 24.00 2.23 0.37
N ALA D 10 24.98 1.42 0.76
CA ALA D 10 26.38 1.57 0.30
C ALA D 10 26.37 1.55 -1.23
N ILE D 11 25.70 0.57 -1.83
CA ILE D 11 25.69 0.34 -3.30
C ILE D 11 25.10 1.58 -3.97
N ILE D 12 23.96 2.03 -3.47
CA ILE D 12 23.25 3.23 -4.00
C ILE D 12 24.16 4.44 -3.85
N ARG D 13 24.73 4.68 -2.66
CA ARG D 13 25.60 5.86 -2.35
C ARG D 13 26.74 5.93 -3.37
N LYS D 14 27.43 4.82 -3.54
CA LYS D 14 28.57 4.63 -4.47
C LYS D 14 28.14 4.96 -5.91
N ALA D 15 26.97 4.46 -6.34
CA ALA D 15 26.46 4.65 -7.72
C ALA D 15 26.06 6.11 -7.92
N LEU D 16 25.41 6.73 -6.94
CA LEU D 16 25.12 8.19 -7.00
C LEU D 16 26.43 8.98 -7.16
N MET D 17 27.53 8.60 -6.50
CA MET D 17 28.80 9.39 -6.46
C MET D 17 29.59 9.21 -7.76
N GLY D 18 29.42 8.09 -8.47
CA GLY D 18 29.82 7.93 -9.90
C GLY D 18 30.94 6.92 -10.06
N O0U E . -2.02 1.33 17.95
N3 O0U E . -6.85 -5.62 12.53
C4 O0U E . -5.77 -0.60 18.38
C5 O0U E . -5.38 0.40 19.25
C6 O0U E . -4.16 1.04 19.10
C7 O0U E . -5.33 -2.07 16.41
C8 O0U E . -5.45 -2.51 13.98
C10 O0U E . -6.23 -4.41 12.84
C13 O0U E . -4.96 -2.73 11.63
C15 O0U E . -7.03 -6.90 10.47
C17 O0U E . -8.36 -8.89 10.26
C20 O0U E . -6.71 -6.96 9.11
C21 O0U E . -8.45 -10.21 8.10
C22 O0U E . -9.85 -10.15 7.65
O O0U E . -1.29 1.07 17.01
O2 O0U E . -1.71 2.16 18.80
C1 O0U E . -3.32 0.67 18.07
C2 O0U E . -3.67 -0.38 17.21
C3 O0U E . -4.92 -0.99 17.36
O3 O0U E . -5.71 -3.15 16.83
N2 O0U E . -5.26 -1.72 15.11
C9 O0U E . -6.11 -3.71 14.02
C11 O0U E . -6.61 -5.79 11.28
O4 O0U E . -5.89 -4.79 10.67
C12 O0U E . -5.65 -3.91 11.69
C14 O0U E . -4.85 -2.02 12.80
C16 O0U E . -7.87 -7.86 11.03
C18 O0U E . -8.00 -9.00 8.92
C19 O0U E . -7.20 -8.01 8.35
C1 GOL F . -12.60 3.79 15.97
O1 GOL F . -11.70 2.71 16.22
C2 GOL F . -12.26 4.99 16.83
O2 GOL F . -11.01 5.54 16.38
C3 GOL F . -12.18 4.61 18.30
O3 GOL F . -12.97 5.45 19.12
N O0U G . 11.45 -15.41 -4.87
N3 O0U G . 14.73 -7.09 -0.55
C4 O0U G . 15.26 -13.59 -5.17
C5 O0U G . 14.93 -14.68 -5.97
C6 O0U G . 13.71 -15.30 -5.87
C7 O0U G . 14.55 -11.91 -3.41
C8 O0U G . 13.46 -9.73 -2.84
C10 O0U G . 14.04 -7.94 -1.41
C13 O0U G . 11.81 -8.02 -2.35
C15 O0U G . 14.14 -4.99 0.60
C17 O0U G . 15.65 -3.60 1.86
C20 O0U G . 13.10 -4.13 0.96
C21 O0U G . 14.87 -1.61 3.19
C22 O0U G . 15.16 -0.34 2.50
O O0U G . 10.63 -14.91 -4.07
O2 O0U G . 11.20 -16.41 -5.52
C1 O0U G . 12.77 -14.79 -4.99
C2 O0U G . 13.07 -13.69 -4.18
C3 O0U G . 14.32 -13.11 -4.27
O3 O0U G . 15.51 -11.84 -2.66
N2 O0U G . 13.63 -10.94 -3.56
C9 O0U G . 14.42 -9.11 -2.05
C11 O0U G . 13.91 -6.14 -0.28
O4 O0U G . 12.67 -6.26 -0.85
C12 O0U G . 12.77 -7.43 -1.58
C14 O0U G . 12.18 -9.19 -2.99
C16 O0U G . 15.42 -4.72 1.07
C18 O0U G . 14.61 -2.79 2.28
C19 O0U G . 13.34 -3.05 1.78
C1 GOL H . -22.00 -15.26 15.23
O1 GOL H . -22.87 -14.43 14.44
C2 GOL H . -22.44 -15.25 16.68
O2 GOL H . -22.38 -16.51 17.35
C3 GOL H . -23.85 -14.81 16.73
O3 GOL H . -24.64 -15.77 16.09
CA CA I . -25.85 -17.02 17.78
#